data_5N9B
#
_entry.id   5N9B
#
_cell.length_a   40.593
_cell.length_b   71.685
_cell.length_c   105.385
_cell.angle_alpha   90.000
_cell.angle_beta   90.000
_cell.angle_gamma   90.000
#
_symmetry.space_group_name_H-M   'P 21 21 21'
#
loop_
_entity.id
_entity.type
_entity.pdbx_description
1 polymer 'Interleukin-17 receptor A'
2 non-polymer 2-acetamido-2-deoxy-beta-D-glucopyranose
3 water water
#
_entity_poly.entity_id   1
_entity_poly.type   'polypeptide(L)'
_entity_poly.pdbx_seq_one_letter_code
;LRLLDHRALVCSQPGLNCTVKNSTCLDDSWIHPRNLTPSSPKDLQIQLHFAHTQQGDLFPVAHIEWTLQTDASILYLEGA
ELSVLQLNTNERLCVRFEFLSKLRHHHRRWRFTFSHFVVDPDQEYEVTVHHLPKPIPDGDPNHQSKNFLVPDCEHARMKV
TTPCMSSGSLWDPNITVETLEAHQLRVSFTLWNESTHYQILLTSFPHMENHSCFEHMHHIPAPRPEEFHQRSNVTLTLRN
LKGCCRHQVQIQPFFSSCLNDCLRHSATVSCPEMPDTPEPIPDYMP
;
_entity_poly.pdbx_strand_id   A
#
loop_
_chem_comp.id
_chem_comp.type
_chem_comp.name
_chem_comp.formula
NAG D-saccharide, beta linking 2-acetamido-2-deoxy-beta-D-glucopyranose 'C8 H15 N O6'
#
# COMPACT_ATOMS: atom_id res chain seq x y z
N LEU A 1 2.16 -3.80 -9.25
CA LEU A 1 2.77 -5.11 -9.51
C LEU A 1 3.85 -5.01 -10.57
N ARG A 2 5.07 -5.41 -10.23
CA ARG A 2 6.18 -5.38 -11.19
C ARG A 2 7.24 -6.38 -10.78
N LEU A 3 8.18 -6.67 -11.68
CA LEU A 3 9.31 -7.52 -11.35
C LEU A 3 10.47 -6.68 -10.82
N LEU A 4 11.13 -7.19 -9.79
CA LEU A 4 12.30 -6.59 -9.15
C LEU A 4 13.47 -6.48 -10.16
N ASP A 5 13.67 -7.50 -11.01
CA ASP A 5 14.67 -7.56 -12.07
C ASP A 5 14.08 -8.43 -13.16
N HIS A 6 14.29 -8.10 -14.44
CA HIS A 6 13.67 -8.89 -15.52
C HIS A 6 14.60 -9.91 -16.20
N ARG A 7 15.87 -10.01 -15.77
CA ARG A 7 16.73 -11.05 -16.37
C ARG A 7 16.26 -12.42 -15.85
N ALA A 8 16.47 -13.48 -16.66
CA ALA A 8 16.13 -14.86 -16.33
C ALA A 8 16.88 -15.26 -15.04
N LEU A 9 16.16 -15.90 -14.10
CA LEU A 9 16.70 -16.34 -12.81
C LEU A 9 17.06 -17.84 -12.92
N VAL A 10 18.16 -18.26 -12.26
CA VAL A 10 18.60 -19.67 -12.15
C VAL A 10 17.75 -20.28 -11.03
N CYS A 11 16.97 -21.34 -11.32
CA CYS A 11 16.14 -22.01 -10.29
C CYS A 11 16.53 -23.50 -10.16
N SER A 12 17.70 -23.86 -10.70
CA SER A 12 18.24 -25.23 -10.69
C SER A 12 18.35 -25.81 -9.28
N GLN A 13 18.16 -27.12 -9.15
CA GLN A 13 18.22 -27.87 -7.89
C GLN A 13 18.79 -29.24 -8.21
N PRO A 14 19.32 -30.03 -7.24
CA PRO A 14 19.83 -31.38 -7.59
C PRO A 14 18.81 -32.24 -8.34
N GLY A 15 19.17 -32.65 -9.54
CA GLY A 15 18.34 -33.46 -10.41
C GLY A 15 17.33 -32.69 -11.21
N LEU A 16 17.46 -31.34 -11.26
CA LEU A 16 16.54 -30.48 -11.99
C LEU A 16 17.16 -29.15 -12.38
N ASN A 17 17.51 -28.99 -13.66
CA ASN A 17 18.05 -27.73 -14.17
C ASN A 17 16.85 -26.88 -14.50
N CYS A 18 16.87 -25.62 -14.02
CA CYS A 18 15.72 -24.74 -14.12
C CYS A 18 16.10 -23.28 -14.41
N THR A 19 15.30 -22.61 -15.28
CA THR A 19 15.39 -21.17 -15.57
C THR A 19 13.98 -20.57 -15.47
N VAL A 20 13.83 -19.34 -14.95
CA VAL A 20 12.52 -18.71 -14.84
C VAL A 20 12.63 -17.28 -15.34
N LYS A 21 11.67 -16.85 -16.17
CA LYS A 21 11.66 -15.50 -16.74
C LYS A 21 10.23 -15.07 -17.02
N ASN A 22 9.98 -13.72 -17.05
CA ASN A 22 8.68 -13.15 -17.39
C ASN A 22 8.23 -13.67 -18.75
N SER A 23 6.93 -13.93 -18.86
CA SER A 23 6.40 -14.53 -20.07
C SER A 23 5.05 -13.95 -20.39
N THR A 24 4.57 -14.20 -21.61
CA THR A 24 3.22 -13.81 -22.01
C THR A 24 2.30 -14.80 -21.28
N CYS A 25 1.29 -14.28 -20.56
CA CYS A 25 0.33 -15.12 -19.85
C CYS A 25 -0.48 -15.95 -20.86
N LEU A 26 -0.45 -17.28 -20.68
CA LEU A 26 -1.15 -18.26 -21.51
C LEU A 26 -2.67 -18.19 -21.36
N SER A 40 0.41 -32.08 -10.43
CA SER A 40 -0.15 -30.75 -10.22
C SER A 40 0.47 -30.02 -8.99
N PRO A 41 0.59 -28.65 -9.01
CA PRO A 41 1.22 -27.96 -7.86
C PRO A 41 0.58 -28.24 -6.53
N LYS A 42 1.41 -28.23 -5.47
CA LYS A 42 0.97 -28.51 -4.11
C LYS A 42 1.58 -27.51 -3.10
N ASP A 43 0.87 -27.29 -1.97
CA ASP A 43 1.35 -26.50 -0.83
C ASP A 43 1.74 -25.04 -1.22
N LEU A 44 0.94 -24.38 -2.06
CA LEU A 44 1.18 -23.00 -2.48
C LEU A 44 1.07 -22.11 -1.23
N GLN A 45 2.16 -21.40 -0.89
CA GLN A 45 2.25 -20.52 0.29
C GLN A 45 2.84 -19.17 -0.13
N ILE A 46 2.24 -18.04 0.32
CA ILE A 46 2.77 -16.71 0.02
C ILE A 46 3.07 -15.97 1.34
N GLN A 47 4.34 -15.52 1.54
CA GLN A 47 4.77 -14.72 2.69
C GLN A 47 5.10 -13.31 2.17
N LEU A 48 5.02 -12.33 3.07
CA LEU A 48 5.41 -10.96 2.76
C LEU A 48 6.87 -10.78 3.20
N HIS A 49 7.74 -10.42 2.26
CA HIS A 49 9.17 -10.16 2.52
C HIS A 49 9.51 -8.76 2.00
N PHE A 50 10.75 -8.32 2.24
CA PHE A 50 11.17 -6.97 1.85
C PHE A 50 12.52 -7.04 1.19
N ALA A 51 12.65 -6.34 0.06
CA ALA A 51 13.88 -6.38 -0.72
C ALA A 51 14.50 -5.01 -0.75
N HIS A 52 15.81 -4.98 -0.44
CA HIS A 52 16.65 -3.76 -0.53
C HIS A 52 17.38 -3.80 -1.86
N THR A 53 17.37 -2.66 -2.56
CA THR A 53 17.94 -2.61 -3.90
C THR A 53 19.28 -1.89 -3.92
N GLN A 54 19.99 -2.10 -5.01
CA GLN A 54 21.29 -1.48 -5.33
C GLN A 54 21.17 0.03 -5.40
N GLN A 55 19.98 0.53 -5.81
CA GLN A 55 19.64 1.95 -5.90
C GLN A 55 19.27 2.57 -4.55
N GLY A 56 19.18 1.76 -3.49
CA GLY A 56 18.89 2.23 -2.13
C GLY A 56 17.44 2.28 -1.72
N ASP A 57 16.58 1.61 -2.50
CA ASP A 57 15.15 1.56 -2.22
C ASP A 57 14.76 0.30 -1.46
N LEU A 58 13.54 0.27 -0.97
CA LEU A 58 13.04 -0.84 -0.17
C LEU A 58 11.61 -1.18 -0.60
N PHE A 59 11.45 -2.38 -1.17
CA PHE A 59 10.15 -2.79 -1.68
C PHE A 59 9.56 -3.98 -0.98
N PRO A 60 8.22 -3.97 -0.75
CA PRO A 60 7.58 -5.21 -0.29
C PRO A 60 7.52 -6.17 -1.48
N VAL A 61 7.83 -7.44 -1.24
CA VAL A 61 7.76 -8.48 -2.28
C VAL A 61 6.93 -9.68 -1.81
N ALA A 62 6.28 -10.36 -2.76
CA ALA A 62 5.56 -11.60 -2.48
C ALA A 62 6.61 -12.71 -2.49
N HIS A 63 6.74 -13.46 -1.41
CA HIS A 63 7.64 -14.61 -1.34
C HIS A 63 6.73 -15.81 -1.59
N ILE A 64 6.75 -16.35 -2.82
CA ILE A 64 5.85 -17.40 -3.26
C ILE A 64 6.60 -18.74 -3.33
N GLU A 65 6.02 -19.79 -2.72
CA GLU A 65 6.63 -21.13 -2.73
C GLU A 65 5.58 -22.18 -3.02
N TRP A 66 5.99 -23.30 -3.63
CA TRP A 66 5.09 -24.44 -3.83
C TRP A 66 5.93 -25.66 -4.10
N THR A 67 5.29 -26.82 -4.06
CA THR A 67 5.96 -28.11 -4.24
C THR A 67 5.51 -28.81 -5.51
N LEU A 68 6.48 -29.44 -6.16
CA LEU A 68 6.33 -30.33 -7.31
C LEU A 68 6.65 -31.71 -6.78
N GLN A 69 5.63 -32.56 -6.76
CA GLN A 69 5.75 -33.93 -6.31
C GLN A 69 5.67 -34.85 -7.52
N THR A 70 6.74 -35.63 -7.74
CA THR A 70 6.82 -36.61 -8.83
C THR A 70 6.79 -38.02 -8.23
N ASP A 71 6.31 -38.96 -9.03
CA ASP A 71 6.21 -40.37 -8.67
C ASP A 71 6.83 -41.22 -9.78
N ALA A 72 6.66 -42.55 -9.72
CA ALA A 72 7.18 -43.50 -10.69
C ALA A 72 6.65 -43.27 -12.12
N SER A 73 5.51 -42.57 -12.23
CA SER A 73 4.80 -42.29 -13.48
C SER A 73 5.64 -41.56 -14.53
N ILE A 74 5.76 -42.13 -15.76
CA ILE A 74 6.47 -41.46 -16.86
C ILE A 74 5.53 -40.34 -17.31
N LEU A 75 6.02 -39.11 -17.28
CA LEU A 75 5.19 -37.94 -17.55
C LEU A 75 5.95 -36.89 -18.34
N TYR A 76 5.25 -36.12 -19.21
CA TYR A 76 5.88 -35.01 -19.92
C TYR A 76 5.70 -33.74 -19.11
N LEU A 77 6.80 -33.21 -18.57
CA LEU A 77 6.76 -32.00 -17.76
C LEU A 77 7.84 -31.03 -18.24
N GLU A 78 7.41 -29.95 -18.88
CA GLU A 78 8.32 -28.95 -19.44
C GLU A 78 8.61 -27.81 -18.46
N GLY A 79 7.70 -27.56 -17.52
CA GLY A 79 7.87 -26.49 -16.56
C GLY A 79 6.65 -26.08 -15.79
N ALA A 80 6.58 -24.78 -15.44
CA ALA A 80 5.47 -24.21 -14.68
C ALA A 80 5.22 -22.76 -15.03
N GLU A 81 3.98 -22.32 -14.84
CA GLU A 81 3.63 -20.94 -15.02
C GLU A 81 3.18 -20.40 -13.67
N LEU A 82 3.80 -19.33 -13.24
CA LEU A 82 3.42 -18.61 -12.01
C LEU A 82 2.78 -17.29 -12.44
N SER A 83 1.52 -17.07 -12.04
CA SER A 83 0.72 -15.91 -12.41
C SER A 83 0.32 -15.14 -11.16
N VAL A 84 0.49 -13.80 -11.18
CA VAL A 84 0.05 -12.94 -10.08
C VAL A 84 -0.91 -11.89 -10.64
N LEU A 85 -2.12 -11.81 -10.07
CA LEU A 85 -3.14 -10.87 -10.52
C LEU A 85 -3.40 -9.86 -9.42
N GLN A 86 -3.23 -8.56 -9.72
CA GLN A 86 -3.54 -7.47 -8.78
C GLN A 86 -5.06 -7.24 -8.94
N LEU A 87 -5.83 -7.49 -7.89
CA LEU A 87 -7.29 -7.41 -8.01
C LEU A 87 -7.87 -5.98 -8.24
N ASN A 88 -7.24 -4.90 -7.75
CA ASN A 88 -7.83 -3.56 -7.96
C ASN A 88 -7.65 -3.01 -9.38
N THR A 89 -6.53 -3.34 -10.04
CA THR A 89 -6.19 -2.83 -11.38
C THR A 89 -6.39 -3.88 -12.48
N ASN A 90 -6.48 -5.17 -12.09
CA ASN A 90 -6.54 -6.34 -12.96
C ASN A 90 -5.18 -6.54 -13.72
N GLU A 91 -4.09 -5.96 -13.19
CA GLU A 91 -2.74 -6.12 -13.76
C GLU A 91 -2.36 -7.58 -13.51
N ARG A 92 -1.92 -8.28 -14.56
CA ARG A 92 -1.50 -9.67 -14.46
C ARG A 92 -0.08 -9.85 -14.99
N LEU A 93 0.79 -10.46 -14.19
CA LEU A 93 2.13 -10.77 -14.64
C LEU A 93 2.36 -12.27 -14.45
N CYS A 94 3.07 -12.86 -15.41
CA CYS A 94 3.39 -14.28 -15.42
C CYS A 94 4.86 -14.47 -15.58
N VAL A 95 5.38 -15.51 -14.95
CA VAL A 95 6.76 -15.94 -15.13
C VAL A 95 6.66 -17.42 -15.53
N ARG A 96 7.57 -17.86 -16.36
CA ARG A 96 7.57 -19.24 -16.82
C ARG A 96 8.83 -19.94 -16.38
N PHE A 97 8.67 -21.05 -15.65
CA PHE A 97 9.75 -21.91 -15.18
C PHE A 97 9.97 -22.91 -16.32
N GLU A 98 11.22 -23.09 -16.73
CA GLU A 98 11.60 -24.00 -17.82
C GLU A 98 12.54 -25.05 -17.30
N PHE A 99 12.10 -26.32 -17.39
CA PHE A 99 12.87 -27.49 -16.96
C PHE A 99 13.67 -28.08 -18.12
N LEU A 100 14.87 -28.58 -17.78
CA LEU A 100 15.91 -29.25 -18.59
C LEU A 100 15.73 -29.13 -20.11
N ARG A 108 12.11 -36.78 -6.29
CA ARG A 108 10.77 -37.05 -5.77
C ARG A 108 9.97 -35.76 -5.48
N ARG A 109 10.45 -34.91 -4.54
CA ARG A 109 9.79 -33.63 -4.17
C ARG A 109 10.73 -32.46 -4.38
N TRP A 110 10.27 -31.42 -5.08
CA TRP A 110 11.04 -30.19 -5.30
C TRP A 110 10.22 -29.03 -4.83
N ARG A 111 10.81 -28.15 -4.02
CA ARG A 111 10.15 -26.95 -3.51
C ARG A 111 10.68 -25.79 -4.34
N PHE A 112 9.77 -25.05 -5.02
CA PHE A 112 10.09 -23.88 -5.86
C PHE A 112 9.80 -22.63 -5.10
N THR A 113 10.58 -21.57 -5.36
CA THR A 113 10.42 -20.28 -4.71
C THR A 113 10.59 -19.19 -5.75
N PHE A 114 9.80 -18.11 -5.64
CA PHE A 114 9.92 -16.95 -6.51
C PHE A 114 9.53 -15.73 -5.69
N SER A 115 10.52 -14.83 -5.48
CA SER A 115 10.39 -13.66 -4.63
C SER A 115 10.67 -12.34 -5.39
N HIS A 116 10.59 -12.33 -6.71
CA HIS A 116 10.90 -11.12 -7.48
C HIS A 116 9.67 -10.25 -7.84
N PHE A 117 8.45 -10.61 -7.41
CA PHE A 117 7.30 -9.74 -7.69
C PHE A 117 7.20 -8.73 -6.59
N VAL A 118 7.32 -7.46 -6.95
CA VAL A 118 7.13 -6.32 -6.06
C VAL A 118 5.61 -6.10 -5.99
N VAL A 119 5.09 -5.89 -4.79
CA VAL A 119 3.65 -5.70 -4.57
C VAL A 119 3.38 -4.29 -4.02
N ASP A 120 2.13 -3.84 -4.05
CA ASP A 120 1.73 -2.52 -3.55
C ASP A 120 1.09 -2.63 -2.17
N PRO A 121 1.32 -1.62 -1.28
CA PRO A 121 0.66 -1.66 0.03
C PRO A 121 -0.86 -1.65 -0.07
N ASP A 122 -1.52 -2.33 0.88
CA ASP A 122 -2.97 -2.38 1.04
C ASP A 122 -3.73 -2.93 -0.20
N GLN A 123 -3.07 -3.82 -0.97
CA GLN A 123 -3.66 -4.43 -2.17
C GLN A 123 -3.74 -5.95 -2.03
N GLU A 124 -4.81 -6.54 -2.62
CA GLU A 124 -5.01 -7.96 -2.64
C GLU A 124 -4.61 -8.52 -4.01
N TYR A 125 -4.03 -9.72 -3.98
CA TYR A 125 -3.50 -10.46 -5.11
C TYR A 125 -4.03 -11.85 -5.16
N GLU A 126 -4.17 -12.37 -6.37
CA GLU A 126 -4.50 -13.77 -6.57
C GLU A 126 -3.30 -14.38 -7.25
N VAL A 127 -2.73 -15.40 -6.60
CA VAL A 127 -1.54 -16.12 -7.11
C VAL A 127 -1.98 -17.46 -7.63
N THR A 128 -1.55 -17.81 -8.85
CA THR A 128 -1.88 -19.09 -9.51
C THR A 128 -0.63 -19.78 -10.02
N VAL A 129 -0.50 -21.10 -9.73
CA VAL A 129 0.58 -21.93 -10.29
C VAL A 129 -0.06 -23.03 -11.15
N HIS A 130 0.47 -23.24 -12.36
CA HIS A 130 0.05 -24.28 -13.30
C HIS A 130 1.29 -25.02 -13.72
N HIS A 131 1.26 -26.35 -13.71
CA HIS A 131 2.36 -27.13 -14.27
C HIS A 131 2.12 -27.19 -15.77
N LEU A 132 3.18 -27.13 -16.58
CA LEU A 132 3.11 -27.09 -18.03
C LEU A 132 3.61 -28.40 -18.63
N PRO A 133 3.03 -28.90 -19.75
CA PRO A 133 1.88 -28.33 -20.50
C PRO A 133 0.53 -28.54 -19.80
N HIS A 143 -3.88 -27.35 -11.10
CA HIS A 143 -3.50 -25.99 -10.69
C HIS A 143 -3.90 -25.63 -9.25
N GLN A 144 -3.26 -24.59 -8.70
CA GLN A 144 -3.54 -24.08 -7.35
C GLN A 144 -3.55 -22.55 -7.37
N SER A 145 -4.57 -21.95 -6.72
CA SER A 145 -4.72 -20.49 -6.58
C SER A 145 -4.91 -20.16 -5.12
N LYS A 146 -4.25 -19.10 -4.65
CA LYS A 146 -4.34 -18.59 -3.28
C LYS A 146 -4.31 -17.08 -3.32
N ASN A 147 -5.09 -16.43 -2.47
CA ASN A 147 -5.05 -14.98 -2.39
C ASN A 147 -4.03 -14.51 -1.35
N PHE A 148 -3.51 -13.29 -1.56
CA PHE A 148 -2.53 -12.65 -0.68
C PHE A 148 -2.93 -11.16 -0.49
N LEU A 149 -3.08 -10.71 0.78
CA LEU A 149 -3.38 -9.31 1.11
C LEU A 149 -2.18 -8.63 1.78
N VAL A 150 -1.70 -7.57 1.15
CA VAL A 150 -0.53 -6.80 1.61
C VAL A 150 -1.04 -5.77 2.64
N PRO A 151 -0.39 -5.69 3.83
CA PRO A 151 -0.80 -4.69 4.84
C PRO A 151 -0.65 -3.25 4.35
N ASP A 152 -1.37 -2.33 5.02
CA ASP A 152 -1.28 -0.92 4.64
C ASP A 152 0.00 -0.25 5.21
N CYS A 153 0.16 1.06 4.98
CA CYS A 153 1.36 1.80 5.40
C CYS A 153 1.43 2.10 6.92
N GLU A 154 0.43 1.65 7.72
CA GLU A 154 0.46 1.78 9.18
C GLU A 154 1.24 0.62 9.83
N HIS A 155 1.41 -0.50 9.10
CA HIS A 155 2.20 -1.66 9.51
C HIS A 155 3.65 -1.14 9.62
N ALA A 156 4.33 -1.35 10.76
CA ALA A 156 5.68 -0.82 11.04
C ALA A 156 6.73 -1.14 9.96
N ARG A 157 6.72 -2.36 9.41
CA ARG A 157 7.65 -2.76 8.35
C ARG A 157 7.29 -2.13 6.99
N MET A 158 5.99 -2.01 6.67
CA MET A 158 5.52 -1.36 5.43
C MET A 158 5.79 0.13 5.46
N LYS A 159 5.60 0.78 6.63
CA LYS A 159 5.80 2.21 6.81
C LYS A 159 7.15 2.72 6.24
N VAL A 160 8.23 1.93 6.38
CA VAL A 160 9.55 2.35 5.91
C VAL A 160 9.86 1.90 4.44
N THR A 161 8.92 1.28 3.74
CA THR A 161 9.19 0.92 2.34
C THR A 161 9.08 2.15 1.48
N THR A 162 9.76 2.12 0.33
CA THR A 162 9.76 3.19 -0.68
C THR A 162 8.30 3.60 -1.04
N PRO A 163 7.37 2.66 -1.42
CA PRO A 163 5.99 3.09 -1.77
C PRO A 163 5.31 3.82 -0.61
N CYS A 164 5.41 3.30 0.62
CA CYS A 164 4.79 3.99 1.75
C CYS A 164 5.38 5.37 2.04
N MET A 165 6.71 5.50 2.01
CA MET A 165 7.36 6.80 2.24
C MET A 165 6.98 7.80 1.16
N SER A 166 6.77 7.31 -0.07
CA SER A 166 6.28 8.14 -1.18
C SER A 166 4.85 8.65 -0.93
N SER A 167 4.07 7.91 -0.13
CA SER A 167 2.69 8.30 0.21
C SER A 167 2.65 9.21 1.45
N GLY A 168 3.83 9.58 1.95
CA GLY A 168 4.01 10.47 3.10
C GLY A 168 3.94 9.76 4.44
N SER A 169 4.22 8.42 4.48
CA SER A 169 4.11 7.60 5.70
C SER A 169 4.96 8.07 6.89
N LEU A 170 6.06 8.78 6.65
CA LEU A 170 6.95 9.21 7.73
C LEU A 170 6.44 10.51 8.43
N TRP A 171 5.50 11.21 7.79
CA TRP A 171 4.97 12.47 8.34
C TRP A 171 3.93 12.14 9.37
N ASP A 172 4.03 12.80 10.52
CA ASP A 172 3.08 12.64 11.61
C ASP A 172 2.62 14.04 12.05
N PRO A 173 1.50 14.53 11.52
CA PRO A 173 1.03 15.88 11.92
C PRO A 173 0.55 15.99 13.35
N ASN A 174 0.13 14.85 13.96
CA ASN A 174 -0.43 14.83 15.32
C ASN A 174 -1.48 15.94 15.49
N ILE A 175 -2.50 15.89 14.62
CA ILE A 175 -3.53 16.91 14.54
C ILE A 175 -4.31 16.98 15.86
N THR A 176 -4.54 18.22 16.32
CA THR A 176 -5.32 18.47 17.54
C THR A 176 -6.30 19.60 17.20
N VAL A 177 -7.49 19.51 17.75
CA VAL A 177 -8.57 20.47 17.47
C VAL A 177 -9.07 20.99 18.81
N GLU A 178 -9.04 22.28 18.97
CA GLU A 178 -9.44 22.95 20.19
C GLU A 178 -10.67 23.77 19.93
N THR A 179 -11.67 23.68 20.82
CA THR A 179 -12.89 24.44 20.64
C THR A 179 -12.65 25.85 21.19
N LEU A 180 -12.98 26.88 20.40
CA LEU A 180 -12.81 28.27 20.79
C LEU A 180 -14.12 28.89 21.27
N GLU A 181 -14.00 29.97 22.06
CA GLU A 181 -15.12 30.71 22.65
C GLU A 181 -16.27 31.08 21.69
N ALA A 182 -15.98 31.65 20.49
CA ALA A 182 -17.02 32.15 19.57
C ALA A 182 -17.39 31.24 18.36
N HIS A 183 -17.79 29.96 18.63
CA HIS A 183 -18.20 28.96 17.61
C HIS A 183 -17.14 28.77 16.50
N GLN A 184 -15.92 28.65 16.94
CA GLN A 184 -14.80 28.43 16.06
C GLN A 184 -13.97 27.29 16.61
N LEU A 185 -13.15 26.69 15.74
CA LEU A 185 -12.21 25.67 16.13
C LEU A 185 -10.84 26.12 15.75
N ARG A 186 -9.84 25.76 16.54
CA ARG A 186 -8.45 26.02 16.17
C ARG A 186 -7.81 24.65 15.99
N VAL A 187 -7.38 24.40 14.76
CA VAL A 187 -6.76 23.12 14.35
C VAL A 187 -5.26 23.32 14.31
N SER A 188 -4.49 22.50 15.00
CA SER A 188 -3.04 22.57 15.03
C SER A 188 -2.51 21.31 14.38
N PHE A 189 -1.43 21.43 13.65
CA PHE A 189 -0.83 20.29 12.92
C PHE A 189 0.62 20.54 12.64
N THR A 190 1.46 19.50 12.67
CA THR A 190 2.89 19.67 12.38
C THR A 190 3.11 19.49 10.87
N LEU A 191 3.73 20.47 10.23
CA LEU A 191 4.02 20.43 8.80
C LEU A 191 5.22 19.52 8.53
N TRP A 192 5.35 19.06 7.30
CA TRP A 192 6.46 18.20 6.90
C TRP A 192 7.57 19.09 6.34
N ASN A 193 8.49 18.54 5.55
CA ASN A 193 9.61 19.35 5.03
C ASN A 193 9.61 19.50 3.50
N GLU A 194 8.46 19.89 2.97
CA GLU A 194 8.25 20.10 1.54
C GLU A 194 7.48 21.37 1.30
N SER A 195 7.84 22.11 0.23
CA SER A 195 7.19 23.37 -0.10
C SER A 195 5.99 23.08 -1.01
N THR A 196 5.01 22.38 -0.43
CA THR A 196 3.79 21.97 -1.11
C THR A 196 2.61 22.37 -0.24
N HIS A 197 1.48 22.69 -0.85
CA HIS A 197 0.30 23.14 -0.11
C HIS A 197 -0.37 21.96 0.65
N TYR A 198 -1.24 22.31 1.57
CA TYR A 198 -2.02 21.34 2.31
C TYR A 198 -3.45 21.82 2.25
N GLN A 199 -4.41 20.94 2.61
CA GLN A 199 -5.82 21.28 2.66
C GLN A 199 -6.37 20.74 3.95
N ILE A 200 -7.16 21.54 4.64
CA ILE A 200 -7.88 21.09 5.84
C ILE A 200 -9.32 20.99 5.38
N LEU A 201 -9.96 19.83 5.57
CA LEU A 201 -11.34 19.67 5.21
C LEU A 201 -12.13 19.50 6.50
N LEU A 202 -13.06 20.44 6.75
CA LEU A 202 -13.97 20.39 7.87
C LEU A 202 -15.30 19.82 7.37
N THR A 203 -15.78 18.76 8.01
CA THR A 203 -17.10 18.21 7.73
C THR A 203 -17.79 18.08 9.05
N SER A 204 -18.96 18.70 9.17
CA SER A 204 -19.71 18.65 10.43
C SER A 204 -20.92 17.75 10.28
N PHE A 205 -21.32 17.12 11.38
CA PHE A 205 -22.42 16.17 11.40
C PHE A 205 -23.27 16.30 12.64
N PRO A 206 -24.53 15.80 12.61
CA PRO A 206 -25.23 15.64 13.87
C PRO A 206 -24.55 14.52 14.68
N HIS A 207 -24.99 14.33 15.93
CA HIS A 207 -24.40 13.37 16.85
C HIS A 207 -24.28 11.93 16.29
N MET A 208 -25.35 11.39 15.71
CA MET A 208 -25.29 10.01 15.21
C MET A 208 -25.44 9.87 13.71
N GLU A 209 -26.39 10.60 13.07
CA GLU A 209 -26.63 10.58 11.61
C GLU A 209 -25.37 11.02 10.86
N ASN A 210 -25.04 10.31 9.75
CA ASN A 210 -23.83 10.58 8.98
C ASN A 210 -24.04 11.46 7.74
N HIS A 211 -25.10 12.26 7.71
CA HIS A 211 -25.29 13.23 6.63
C HIS A 211 -24.69 14.51 7.16
N SER A 212 -23.73 15.10 6.42
CA SER A 212 -23.11 16.32 6.88
C SER A 212 -24.10 17.52 6.89
N CYS A 213 -23.95 18.40 7.87
CA CYS A 213 -24.72 19.63 8.04
C CYS A 213 -23.83 20.82 7.61
N PHE A 214 -22.50 20.61 7.46
CA PHE A 214 -21.58 21.68 7.04
C PHE A 214 -20.34 21.09 6.43
N GLU A 215 -19.75 21.80 5.46
CA GLU A 215 -18.52 21.38 4.82
C GLU A 215 -17.73 22.62 4.44
N HIS A 216 -16.42 22.62 4.75
CA HIS A 216 -15.58 23.75 4.39
C HIS A 216 -14.14 23.29 4.16
N MET A 217 -13.52 23.74 3.06
CA MET A 217 -12.15 23.39 2.73
C MET A 217 -11.28 24.63 2.95
N HIS A 218 -10.18 24.48 3.67
CA HIS A 218 -9.24 25.55 3.95
C HIS A 218 -7.90 25.23 3.34
N HIS A 219 -7.43 26.13 2.47
CA HIS A 219 -6.16 25.96 1.76
C HIS A 219 -5.04 26.46 2.65
N ILE A 220 -3.99 25.64 2.83
CA ILE A 220 -2.81 26.00 3.60
C ILE A 220 -1.72 26.24 2.55
N PRO A 221 -1.24 27.49 2.38
CA PRO A 221 -0.18 27.73 1.37
C PRO A 221 1.08 26.89 1.61
N ALA A 222 1.80 26.58 0.54
CA ALA A 222 3.07 25.88 0.63
C ALA A 222 4.00 26.56 1.67
N PRO A 223 4.48 25.87 2.73
CA PRO A 223 5.32 26.56 3.72
C PRO A 223 6.72 26.87 3.22
N ARG A 224 7.36 27.88 3.82
CA ARG A 224 8.74 28.25 3.50
C ARG A 224 9.66 27.26 4.23
N PRO A 225 10.88 26.94 3.72
CA PRO A 225 11.76 25.98 4.42
C PRO A 225 11.97 26.23 5.91
N GLU A 226 11.79 27.50 6.36
CA GLU A 226 11.91 27.95 7.74
C GLU A 226 10.84 27.37 8.66
N GLU A 227 9.63 27.05 8.13
CA GLU A 227 8.54 26.45 8.92
C GLU A 227 8.47 24.93 8.79
N PHE A 228 9.46 24.29 8.12
CA PHE A 228 9.48 22.83 7.96
C PHE A 228 9.56 22.17 9.34
N HIS A 229 8.77 21.10 9.58
CA HIS A 229 8.74 20.38 10.87
C HIS A 229 8.23 21.27 12.03
N GLN A 230 7.64 22.42 11.73
CA GLN A 230 7.07 23.25 12.76
C GLN A 230 5.54 23.09 12.76
N ARG A 231 4.94 23.34 13.91
CA ARG A 231 3.52 23.18 14.14
C ARG A 231 2.76 24.48 13.89
N SER A 232 1.87 24.43 12.91
CA SER A 232 1.07 25.57 12.46
C SER A 232 -0.36 25.39 12.92
N ASN A 233 -1.25 26.31 12.59
CA ASN A 233 -2.66 26.18 12.99
C ASN A 233 -3.52 26.92 11.97
N VAL A 234 -4.81 26.59 11.97
CA VAL A 234 -5.84 27.28 11.21
C VAL A 234 -7.05 27.43 12.13
N THR A 235 -7.77 28.56 12.01
CA THR A 235 -9.02 28.80 12.74
C THR A 235 -10.17 28.54 11.75
N LEU A 236 -11.12 27.71 12.16
CA LEU A 236 -12.27 27.38 11.34
C LEU A 236 -13.53 27.97 11.94
N THR A 237 -14.41 28.46 11.09
CA THR A 237 -15.70 28.98 11.53
C THR A 237 -16.73 27.90 11.28
N LEU A 238 -17.48 27.58 12.32
CA LEU A 238 -18.51 26.56 12.32
C LEU A 238 -19.86 27.14 11.94
N ARG A 239 -20.74 26.28 11.41
CA ARG A 239 -22.11 26.69 11.06
C ARG A 239 -22.90 26.89 12.39
N ASN A 240 -23.62 27.99 12.49
CA ASN A 240 -24.42 28.26 13.66
C ASN A 240 -25.74 27.47 13.59
N LEU A 241 -25.70 26.17 13.94
CA LEU A 241 -26.91 25.33 13.89
C LEU A 241 -26.82 24.35 15.05
N LYS A 242 -27.77 24.42 15.98
CA LYS A 242 -27.79 23.53 17.15
C LYS A 242 -28.03 22.11 16.68
N GLY A 243 -27.19 21.20 17.14
CA GLY A 243 -27.22 19.79 16.76
C GLY A 243 -26.18 19.45 15.73
N CYS A 244 -25.62 20.46 15.04
CA CYS A 244 -24.57 20.24 14.04
C CYS A 244 -23.30 20.38 14.91
N CYS A 245 -22.93 19.28 15.61
CA CYS A 245 -21.93 19.37 16.69
C CYS A 245 -20.74 18.42 16.61
N ARG A 246 -20.72 17.47 15.66
CA ARG A 246 -19.64 16.48 15.51
C ARG A 246 -18.79 16.95 14.33
N HIS A 247 -17.58 17.41 14.61
CA HIS A 247 -16.73 18.05 13.63
C HIS A 247 -15.50 17.25 13.28
N GLN A 248 -15.47 16.73 12.04
CA GLN A 248 -14.35 15.96 11.57
C GLN A 248 -13.44 16.90 10.82
N VAL A 249 -12.17 16.90 11.19
CA VAL A 249 -11.16 17.78 10.60
C VAL A 249 -10.06 16.91 10.02
N GLN A 250 -9.88 16.97 8.70
CA GLN A 250 -8.94 16.13 7.98
C GLN A 250 -7.87 16.94 7.27
N ILE A 251 -6.61 16.55 7.44
CA ILE A 251 -5.51 17.24 6.73
C ILE A 251 -5.03 16.35 5.59
N GLN A 252 -4.97 16.93 4.40
CA GLN A 252 -4.45 16.26 3.23
C GLN A 252 -3.19 16.99 2.76
N PRO A 253 -2.03 16.30 2.71
CA PRO A 253 -0.84 16.95 2.14
C PRO A 253 -0.83 16.70 0.62
N PHE A 254 0.01 17.41 -0.11
CA PHE A 254 0.15 17.24 -1.56
C PHE A 254 1.64 17.10 -1.88
N PHE A 255 2.33 16.19 -1.17
CA PHE A 255 3.79 16.00 -1.39
C PHE A 255 4.00 15.63 -2.87
N SER A 256 5.07 16.12 -3.51
CA SER A 256 5.30 15.82 -4.93
C SER A 256 5.31 14.32 -5.29
N SER A 257 5.68 13.45 -4.34
CA SER A 257 5.72 12.01 -4.63
C SER A 257 4.34 11.32 -4.63
N CYS A 258 3.29 11.95 -4.11
CA CYS A 258 1.99 11.28 -4.03
C CYS A 258 0.85 12.10 -4.59
N LEU A 259 1.10 13.34 -4.98
CA LEU A 259 0.13 14.27 -5.58
C LEU A 259 -1.23 14.31 -4.79
N ASN A 260 -2.36 13.76 -5.35
CA ASN A 260 -3.67 13.78 -4.69
C ASN A 260 -3.91 12.51 -3.88
N ASP A 261 -2.92 11.65 -3.83
CA ASP A 261 -3.01 10.32 -3.25
C ASP A 261 -2.12 10.13 -2.01
N CYS A 262 -1.85 11.22 -1.28
CA CYS A 262 -1.04 11.14 -0.04
C CYS A 262 -1.89 10.65 1.11
N LEU A 263 -1.24 10.01 2.10
CA LEU A 263 -1.94 9.56 3.29
C LEU A 263 -2.47 10.79 4.06
N ARG A 264 -3.73 10.71 4.52
CA ARG A 264 -4.38 11.82 5.22
C ARG A 264 -4.50 11.49 6.70
N HIS A 265 -4.80 12.51 7.53
CA HIS A 265 -4.96 12.29 8.98
C HIS A 265 -6.14 13.12 9.46
N SER A 266 -6.82 12.66 10.48
CA SER A 266 -7.94 13.44 11.00
C SER A 266 -8.11 13.37 12.53
N ALA A 267 -8.84 14.33 13.07
CA ALA A 267 -9.25 14.30 14.48
C ALA A 267 -10.73 14.73 14.41
N THR A 268 -11.55 14.24 15.33
CA THR A 268 -12.98 14.60 15.36
C THR A 268 -13.37 15.16 16.71
N VAL A 269 -14.10 16.28 16.72
CA VAL A 269 -14.61 16.93 17.90
C VAL A 269 -15.96 16.23 18.12
N SER A 270 -16.13 15.56 19.25
CA SER A 270 -17.41 14.90 19.60
C SER A 270 -18.42 15.93 20.10
N CYS A 271 -19.73 15.59 20.03
CA CYS A 271 -20.82 16.46 20.47
C CYS A 271 -20.77 16.55 22.01
N PRO A 272 -21.03 17.73 22.62
CA PRO A 272 -21.08 17.79 24.09
C PRO A 272 -22.48 17.45 24.61
N GLU A 273 -23.09 16.39 24.05
CA GLU A 273 -24.46 15.94 24.35
C GLU A 273 -24.45 14.52 24.91
C1 NAG B . -1.30 30.02 13.81
C2 NAG B . -0.59 30.78 14.93
C3 NAG B . -0.13 32.09 14.29
C4 NAG B . 0.81 31.83 13.12
C5 NAG B . 0.16 30.94 12.07
C6 NAG B . 1.15 30.42 11.05
C7 NAG B . -1.56 30.53 17.20
C8 NAG B . -2.80 30.75 18.02
N2 NAG B . -1.60 31.03 15.95
O3 NAG B . 0.53 32.86 15.30
O4 NAG B . 1.15 33.04 12.45
O5 NAG B . -0.41 29.79 12.71
O6 NAG B . 0.53 29.63 10.05
O7 NAG B . -0.58 29.94 17.64
C1 NAG C . 1.19 13.67 19.83
C2 NAG C . 2.45 13.90 20.65
C3 NAG C . 2.36 12.94 21.84
C4 NAG C . 1.09 13.18 22.65
C5 NAG C . -0.17 13.16 21.78
C6 NAG C . -1.37 13.78 22.48
C7 NAG C . 4.66 14.51 19.73
C8 NAG C . 5.70 14.13 18.71
N2 NAG C . 3.64 13.64 19.86
O3 NAG C . 3.51 13.14 22.67
O4 NAG C . 0.99 12.20 23.68
O5 NAG C . 0.01 13.93 20.57
O6 NAG C . -1.79 13.06 23.61
O7 NAG C . 4.73 15.54 20.38
C1 NAG D . -21.64 6.41 10.46
C2 NAG D . -21.73 4.97 9.95
C3 NAG D . -21.04 4.09 10.99
C4 NAG D . -19.59 4.51 11.18
C5 NAG D . -19.47 5.99 11.54
C6 NAG D . -18.07 6.54 11.43
C7 NAG D . -23.79 4.75 8.60
C8 NAG D . -25.25 4.39 8.62
N2 NAG D . -23.12 4.60 9.77
O3 NAG D . -21.10 2.72 10.57
O4 NAG D . -18.99 3.72 12.22
O5 NAG D . -20.27 6.78 10.63
O6 NAG D . -17.23 6.09 12.49
O7 NAG D . -23.25 5.18 7.59
C1 NAG E . 12.75 15.54 5.75
C2 NAG E . 14.10 15.40 5.06
C3 NAG E . 14.67 13.99 5.27
C4 NAG E . 14.69 13.63 6.76
C5 NAG E . 13.32 13.82 7.39
C6 NAG E . 13.31 13.66 8.88
C7 NAG E . 14.51 16.75 3.03
C8 NAG E . 14.23 16.87 1.55
N2 NAG E . 13.97 15.68 3.64
O3 NAG E . 15.98 13.93 4.74
O4 NAG E . 15.08 12.26 6.91
O5 NAG E . 12.85 15.16 7.13
O6 NAG E . 13.67 12.34 9.29
O7 NAG E . 15.18 17.57 3.62
#